data_7PLF
#
_entry.id   7PLF
#
_cell.length_a   62.270
_cell.length_b   71.340
_cell.length_c   121.410
_cell.angle_alpha   90.000
_cell.angle_beta   90.000
_cell.angle_gamma   90.000
#
_symmetry.space_group_name_H-M   'P 21 21 21'
#
loop_
_entity.id
_entity.type
_entity.pdbx_description
1 polymer 'Carbonic anhydrase 1'
2 non-polymer 'ZINC ION'
3 non-polymer 4-azanyl-6-[1,2,2-tris(chloranyl)ethenyl]benzene-1,3-disulfonamide
4 water water
#
_entity_poly.entity_id   1
_entity_poly.type   'polypeptide(L)'
_entity_poly.pdbx_seq_one_letter_code
;MASPDWGYDDKNGPEQWSKLYPIANGNNQSPVDIKTSETKHDTSLKPISVSYNPATAKEIINVGHSFHVNFEDNDNRSVL
KGGPFSDSYRLFQFHFHWGSTNEHGSEHTVDGVKYSAELHVAHWNSAKYSSLAEAASKADGLAVIGVLMKVGEANPKLQK
VLDALQAIKTKGKRAPFTNFDPSTLLPSSLDFWTYPGSLTHPPLYESVTWIICKESISVSSEQLAQFRSLLSNVEGDNAV
PMQHNNRPTQPLKGRTVRASF
;
_entity_poly.pdbx_strand_id   AAA,BBB
#
# COMPACT_ATOMS: atom_id res chain seq x y z
N PRO A 4 -3.25 21.75 8.81
CA PRO A 4 -2.88 21.87 7.39
C PRO A 4 -4.13 22.28 6.61
N ASP A 5 -4.29 23.55 6.29
CA ASP A 5 -5.56 24.01 5.65
C ASP A 5 -5.69 23.29 4.29
N TRP A 6 -4.60 23.16 3.52
CA TRP A 6 -4.68 22.76 2.09
C TRP A 6 -4.32 21.28 1.92
N GLY A 7 -4.87 20.68 0.86
CA GLY A 7 -4.50 19.33 0.41
C GLY A 7 -4.96 19.06 -0.99
N TYR A 8 -5.36 17.82 -1.24
CA TYR A 8 -5.81 17.38 -2.58
C TYR A 8 -7.20 16.75 -2.50
N ASP A 9 -7.87 16.80 -1.36
CA ASP A 9 -9.22 16.15 -1.28
C ASP A 9 -10.26 17.16 -1.78
N ASP A 10 -11.53 16.79 -1.81
CA ASP A 10 -12.59 17.64 -2.43
C ASP A 10 -12.68 18.99 -1.74
N LYS A 11 -12.56 19.02 -0.42
CA LYS A 11 -12.79 20.27 0.36
C LYS A 11 -11.56 21.19 0.35
N ASN A 12 -10.34 20.64 0.34
CA ASN A 12 -9.14 21.50 0.58
C ASN A 12 -8.24 21.51 -0.67
N GLY A 13 -8.74 21.01 -1.80
CA GLY A 13 -7.93 20.63 -2.95
C GLY A 13 -7.69 21.78 -3.92
N PRO A 14 -6.98 21.53 -5.05
CA PRO A 14 -6.64 22.57 -6.03
C PRO A 14 -7.74 23.56 -6.47
N GLU A 15 -8.98 23.12 -6.62
CA GLU A 15 -10.05 24.02 -7.15
C GLU A 15 -10.42 25.05 -6.07
N GLN A 16 -10.03 24.79 -4.81
CA GLN A 16 -10.36 25.59 -3.60
C GLN A 16 -9.15 26.39 -3.10
N TRP A 17 -7.95 26.18 -3.65
CA TRP A 17 -6.72 26.82 -3.10
C TRP A 17 -6.82 28.34 -3.18
N SER A 18 -7.51 28.88 -4.18
CA SER A 18 -7.60 30.35 -4.45
C SER A 18 -8.20 31.09 -3.26
N LYS A 19 -9.02 30.43 -2.43
CA LYS A 19 -9.71 31.08 -1.27
C LYS A 19 -8.68 31.55 -0.24
N LEU A 20 -7.63 30.75 -0.04
CA LEU A 20 -6.58 31.04 0.97
C LEU A 20 -5.33 31.63 0.26
N TYR A 21 -5.12 31.28 -1.02
CA TYR A 21 -3.92 31.66 -1.81
C TYR A 21 -4.34 32.24 -3.14
N PRO A 22 -4.72 33.52 -3.16
CA PRO A 22 -5.25 34.15 -4.37
C PRO A 22 -4.34 34.07 -5.60
N ILE A 23 -3.02 33.86 -5.38
CA ILE A 23 -2.02 33.73 -6.46
C ILE A 23 -2.34 32.46 -7.28
N ALA A 24 -3.19 31.59 -6.78
CA ALA A 24 -3.62 30.38 -7.52
C ALA A 24 -4.16 30.78 -8.89
N ASN A 25 -4.80 31.93 -8.98
CA ASN A 25 -5.45 32.45 -10.21
C ASN A 25 -4.55 33.47 -10.89
N GLY A 26 -3.23 33.44 -10.63
CA GLY A 26 -2.22 34.35 -11.17
C GLY A 26 -1.88 34.14 -12.64
N ASN A 27 -0.91 34.90 -13.12
CA ASN A 27 -0.49 34.90 -14.54
C ASN A 27 0.68 33.97 -14.80
N ASN A 28 1.33 33.44 -13.76
CA ASN A 28 2.52 32.58 -13.96
C ASN A 28 2.33 31.27 -13.20
N GLN A 29 1.15 30.67 -13.24
CA GLN A 29 0.87 29.44 -12.47
C GLN A 29 1.28 28.17 -13.22
N SER A 30 1.66 27.16 -12.44
CA SER A 30 2.10 25.86 -12.95
C SER A 30 1.28 24.76 -12.34
N PRO A 31 1.19 23.56 -12.94
CA PRO A 31 1.78 23.25 -14.24
C PRO A 31 0.95 23.73 -15.44
N VAL A 32 1.43 23.43 -16.64
CA VAL A 32 0.75 23.87 -17.89
C VAL A 32 0.77 22.68 -18.83
N ASP A 33 -0.15 22.74 -19.80
CA ASP A 33 -0.09 21.87 -21.01
C ASP A 33 0.87 22.49 -22.01
N ILE A 34 1.85 21.73 -22.42
CA ILE A 34 2.85 22.19 -23.42
C ILE A 34 2.32 21.78 -24.79
N LYS A 35 1.80 22.74 -25.55
CA LYS A 35 1.33 22.48 -26.94
C LYS A 35 2.52 22.66 -27.88
N THR A 36 3.00 21.60 -28.51
CA THR A 36 4.30 21.61 -29.24
C THR A 36 4.21 22.47 -30.51
N SER A 37 3.02 22.72 -31.02
CA SER A 37 2.82 23.54 -32.23
C SER A 37 3.03 25.00 -31.87
N GLU A 38 2.94 25.35 -30.58
CA GLU A 38 3.02 26.75 -30.10
C GLU A 38 4.35 27.02 -29.36
N THR A 39 5.26 26.07 -29.26
CA THR A 39 6.58 26.30 -28.62
C THR A 39 7.47 27.11 -29.56
N LYS A 40 8.37 27.90 -29.00
CA LYS A 40 9.33 28.73 -29.77
C LYS A 40 10.73 28.16 -29.56
N HIS A 41 11.38 27.61 -30.60
CA HIS A 41 12.77 27.13 -30.51
C HIS A 41 13.67 28.34 -30.27
N ASP A 42 14.46 28.31 -29.20
CA ASP A 42 15.35 29.42 -28.81
C ASP A 42 16.79 28.95 -28.94
N THR A 43 17.48 29.51 -29.94
CA THR A 43 18.89 29.20 -30.27
C THR A 43 19.85 29.56 -29.13
N SER A 44 19.47 30.51 -28.27
CA SER A 44 20.33 31.04 -27.17
C SER A 44 20.36 30.07 -25.97
N LEU A 45 19.47 29.07 -25.91
CA LEU A 45 19.43 28.11 -24.77
C LEU A 45 20.65 27.19 -24.83
N LYS A 46 21.42 27.13 -23.74
CA LYS A 46 22.57 26.23 -23.63
C LYS A 46 22.03 24.89 -23.12
N PRO A 47 22.82 23.83 -23.30
CA PRO A 47 22.48 22.54 -22.72
C PRO A 47 22.39 22.72 -21.19
N ILE A 48 21.51 21.90 -20.62
CA ILE A 48 21.42 21.73 -19.13
C ILE A 48 22.66 20.97 -18.68
N SER A 49 23.27 21.46 -17.62
CA SER A 49 24.43 20.85 -16.95
C SER A 49 24.06 20.56 -15.49
N VAL A 50 24.01 19.29 -15.10
CA VAL A 50 23.87 18.93 -13.66
C VAL A 50 25.14 18.26 -13.17
N SER A 51 25.55 18.64 -11.98
CA SER A 51 26.71 18.03 -11.30
C SER A 51 26.37 17.92 -9.83
N TYR A 52 25.97 16.74 -9.44
CA TYR A 52 25.51 16.45 -8.06
C TYR A 52 26.48 15.51 -7.36
N ASN A 53 26.76 15.84 -6.12
CA ASN A 53 27.62 15.03 -5.23
C ASN A 53 26.72 14.13 -4.38
N PRO A 54 26.84 12.78 -4.44
CA PRO A 54 25.95 11.91 -3.66
C PRO A 54 26.00 12.13 -2.15
N ALA A 55 27.12 12.67 -1.65
CA ALA A 55 27.30 12.96 -0.22
C ALA A 55 26.41 14.10 0.24
N THR A 56 25.71 14.82 -0.64
CA THR A 56 24.77 15.88 -0.22
C THR A 56 23.39 15.30 0.10
N ALA A 57 23.08 14.06 -0.25
CA ALA A 57 21.81 13.46 0.13
C ALA A 57 21.69 13.45 1.66
N LYS A 58 20.57 13.84 2.20
CA LYS A 58 20.43 14.01 3.67
C LYS A 58 19.32 13.13 4.28
N GLU A 59 18.05 13.29 3.85
CA GLU A 59 16.90 12.85 4.62
C GLU A 59 15.69 12.66 3.71
N ILE A 60 14.89 11.67 4.03
CA ILE A 60 13.58 11.46 3.39
C ILE A 60 12.50 11.69 4.43
N ILE A 61 11.42 12.36 4.07
CA ILE A 61 10.38 12.86 5.00
C ILE A 61 9.02 12.63 4.39
N ASN A 62 8.12 12.10 5.19
CA ASN A 62 6.69 12.05 4.86
C ASN A 62 6.07 13.36 5.27
N VAL A 63 5.65 14.16 4.29
CA VAL A 63 5.06 15.50 4.56
C VAL A 63 3.55 15.46 4.46
N GLY A 64 2.93 14.28 4.54
CA GLY A 64 1.47 14.18 4.64
C GLY A 64 0.80 14.10 3.29
N HIS A 65 1.13 15.00 2.36
CA HIS A 65 0.57 15.00 0.99
C HIS A 65 1.53 14.36 0.00
N SER A 66 2.78 14.11 0.43
CA SER A 66 3.86 13.64 -0.45
C SER A 66 5.00 13.17 0.42
N PHE A 67 6.13 12.86 -0.19
CA PHE A 67 7.38 12.63 0.52
C PHE A 67 8.43 13.46 -0.19
N HIS A 68 9.41 13.91 0.56
CA HIS A 68 10.51 14.74 0.05
C HIS A 68 11.86 14.09 0.35
N VAL A 69 12.76 14.17 -0.57
CA VAL A 69 14.19 13.76 -0.37
C VAL A 69 15.00 15.04 -0.38
N ASN A 70 15.56 15.38 0.77
CA ASN A 70 16.28 16.66 0.93
C ASN A 70 17.79 16.42 0.88
N PHE A 71 18.44 17.50 0.46
CA PHE A 71 19.91 17.57 0.29
C PHE A 71 20.47 18.70 1.13
N GLU A 72 21.69 18.47 1.63
CA GLU A 72 22.49 19.53 2.25
C GLU A 72 22.74 20.62 1.21
N ASP A 73 22.47 21.87 1.57
CA ASP A 73 22.56 23.00 0.62
C ASP A 73 23.37 24.15 1.22
N ASN A 74 24.45 23.81 1.90
CA ASN A 74 25.34 24.83 2.52
C ASN A 74 26.41 25.28 1.54
N ASP A 75 26.64 24.57 0.45
CA ASP A 75 27.69 24.94 -0.53
C ASP A 75 27.31 24.43 -1.91
N ASN A 76 28.20 24.59 -2.88
CA ASN A 76 27.89 24.29 -4.30
C ASN A 76 28.38 22.89 -4.70
N ARG A 77 28.39 21.92 -3.79
CA ARG A 77 28.76 20.55 -4.17
C ARG A 77 27.81 20.00 -5.24
N SER A 78 26.53 20.42 -5.24
CA SER A 78 25.47 19.84 -6.12
C SER A 78 24.75 20.99 -6.81
N VAL A 79 25.00 21.18 -8.11
CA VAL A 79 24.50 22.37 -8.83
C VAL A 79 23.95 22.06 -10.24
N LEU A 80 23.03 22.90 -10.64
CA LEU A 80 22.46 22.99 -12.01
C LEU A 80 22.94 24.29 -12.64
N LYS A 81 23.36 24.18 -13.89
CA LYS A 81 23.84 25.31 -14.70
C LYS A 81 23.33 25.12 -16.12
N GLY A 82 23.50 26.16 -16.94
CA GLY A 82 23.18 26.09 -18.37
C GLY A 82 21.71 26.39 -18.65
N GLY A 83 21.19 25.81 -19.72
CA GLY A 83 19.81 26.08 -20.17
C GLY A 83 19.63 27.58 -20.26
N PRO A 84 18.56 28.15 -19.66
CA PRO A 84 18.28 29.58 -19.74
C PRO A 84 18.99 30.44 -18.70
N PHE A 85 19.77 29.82 -17.83
CA PHE A 85 20.33 30.45 -16.61
C PHE A 85 21.72 31.02 -16.87
N SER A 86 21.99 32.15 -16.23
CA SER A 86 23.34 32.74 -16.09
C SER A 86 23.93 32.33 -14.75
N ASP A 87 23.06 32.09 -13.77
CA ASP A 87 23.41 31.82 -12.35
C ASP A 87 23.51 30.29 -12.15
N SER A 88 24.38 29.83 -11.25
CA SER A 88 24.40 28.44 -10.69
C SER A 88 23.21 28.31 -9.74
N TYR A 89 22.48 27.19 -9.79
CA TYR A 89 21.38 26.90 -8.83
C TYR A 89 21.72 25.66 -8.05
N ARG A 90 21.49 25.73 -6.75
CA ARG A 90 21.94 24.70 -5.80
C ARG A 90 20.82 23.68 -5.54
N LEU A 91 21.12 22.40 -5.73
CA LEU A 91 20.13 21.33 -5.48
C LEU A 91 19.68 21.40 -4.03
N PHE A 92 18.39 21.21 -3.75
CA PHE A 92 18.00 21.03 -2.34
C PHE A 92 17.05 19.88 -2.12
N GLN A 93 16.30 19.46 -3.15
CA GLN A 93 15.23 18.47 -2.94
C GLN A 93 14.90 17.77 -4.24
N PHE A 94 14.41 16.52 -4.15
CA PHE A 94 13.55 16.01 -5.24
C PHE A 94 12.34 15.36 -4.61
N HIS A 95 11.23 15.31 -5.37
CA HIS A 95 9.99 14.62 -4.95
C HIS A 95 9.21 14.24 -6.21
N PHE A 96 8.05 13.61 -6.01
CA PHE A 96 7.25 13.11 -7.13
C PHE A 96 5.86 13.65 -6.95
N HIS A 97 5.11 13.56 -8.03
CA HIS A 97 3.64 13.67 -8.01
C HIS A 97 3.11 12.44 -8.70
N TRP A 98 1.90 12.02 -8.29
CA TRP A 98 1.24 10.83 -8.86
C TRP A 98 -0.25 11.04 -8.76
N GLY A 99 -0.96 10.15 -9.46
CA GLY A 99 -2.43 10.19 -9.51
C GLY A 99 -3.07 8.92 -8.94
N SER A 100 -4.41 8.93 -8.88
CA SER A 100 -5.19 7.85 -8.20
C SER A 100 -5.13 6.57 -9.03
N THR A 101 -4.96 6.72 -10.34
CA THR A 101 -4.75 5.55 -11.24
C THR A 101 -3.68 5.90 -12.26
N ASN A 102 -3.27 4.90 -13.04
CA ASN A 102 -2.17 5.04 -14.04
C ASN A 102 -2.51 6.12 -15.07
N GLU A 103 -3.80 6.40 -15.30
CA GLU A 103 -4.26 7.20 -16.47
C GLU A 103 -3.78 8.65 -16.32
N HIS A 104 -3.56 9.07 -15.10
CA HIS A 104 -3.18 10.47 -14.87
C HIS A 104 -2.19 10.42 -13.70
N GLY A 105 -1.51 11.49 -13.47
CA GLY A 105 -0.64 11.52 -12.27
C GLY A 105 0.47 12.53 -12.49
N SER A 106 0.86 12.80 -13.74
CA SER A 106 1.78 13.92 -14.03
C SER A 106 1.07 15.24 -13.71
N GLU A 107 1.88 16.27 -13.59
CA GLU A 107 1.40 17.65 -13.42
C GLU A 107 1.42 18.32 -14.77
N HIS A 108 2.58 18.46 -15.38
CA HIS A 108 2.68 18.91 -16.79
C HIS A 108 2.02 17.85 -17.68
N THR A 109 1.46 18.33 -18.79
CA THR A 109 1.00 17.48 -19.91
C THR A 109 1.66 17.98 -21.18
N VAL A 110 1.73 17.10 -22.17
CA VAL A 110 2.31 17.48 -23.49
C VAL A 110 1.29 17.15 -24.58
N ASP A 111 0.81 18.18 -25.25
CA ASP A 111 -0.24 18.05 -26.31
C ASP A 111 -1.45 17.33 -25.72
N GLY A 112 -1.83 17.65 -24.47
CA GLY A 112 -2.99 17.08 -23.79
C GLY A 112 -2.76 15.73 -23.16
N VAL A 113 -1.60 15.11 -23.35
CA VAL A 113 -1.34 13.73 -22.89
C VAL A 113 -0.89 13.78 -21.43
N LYS A 114 -1.64 13.08 -20.59
CA LYS A 114 -1.34 12.92 -19.14
C LYS A 114 -0.44 11.70 -18.95
N TYR A 115 0.68 11.83 -18.24
CA TYR A 115 1.52 10.70 -17.83
C TYR A 115 1.13 10.21 -16.44
N SER A 116 1.80 9.17 -15.93
CA SER A 116 1.37 8.46 -14.71
C SER A 116 1.95 9.13 -13.46
N ALA A 117 3.04 9.87 -13.62
CA ALA A 117 3.67 10.50 -12.45
C ALA A 117 4.65 11.53 -12.99
N GLU A 118 5.30 12.28 -12.11
CA GLU A 118 6.24 13.34 -12.50
C GLU A 118 7.27 13.51 -11.38
N LEU A 119 8.52 13.60 -11.76
CA LEU A 119 9.69 13.86 -10.89
C LEU A 119 10.02 15.33 -10.95
N HIS A 120 10.19 15.96 -9.80
CA HIS A 120 10.61 17.38 -9.62
C HIS A 120 11.97 17.35 -8.92
N VAL A 121 12.96 17.97 -9.55
CA VAL A 121 14.31 18.13 -8.96
C VAL A 121 14.47 19.65 -8.78
N ALA A 122 14.47 20.13 -7.55
CA ALA A 122 14.38 21.58 -7.21
C ALA A 122 15.74 22.12 -6.74
N HIS A 123 15.97 23.37 -7.16
CA HIS A 123 17.24 24.06 -6.89
C HIS A 123 16.94 25.52 -6.56
N TRP A 124 17.84 26.19 -5.86
CA TRP A 124 17.62 27.62 -5.53
C TRP A 124 18.84 28.44 -5.98
N ASN A 125 18.61 29.71 -6.24
CA ASN A 125 19.60 30.62 -6.87
C ASN A 125 20.58 31.14 -5.80
N SER A 126 21.68 30.42 -5.65
CA SER A 126 22.71 30.69 -4.60
C SER A 126 23.68 31.77 -5.14
N ALA A 127 23.60 32.15 -6.43
CA ALA A 127 24.39 33.29 -6.93
C ALA A 127 23.80 34.58 -6.36
N LYS A 128 22.48 34.70 -6.35
CA LYS A 128 21.76 35.94 -6.02
C LYS A 128 21.33 35.95 -4.56
N TYR A 129 20.98 34.81 -3.95
CA TYR A 129 20.26 34.73 -2.65
C TYR A 129 21.11 33.91 -1.70
N SER A 130 20.79 34.02 -0.41
CA SER A 130 21.59 33.45 0.70
C SER A 130 20.95 32.17 1.24
N SER A 131 19.68 31.94 0.96
CA SER A 131 19.01 30.73 1.49
C SER A 131 17.84 30.37 0.60
N LEU A 132 17.37 29.13 0.73
CA LEU A 132 16.10 28.70 0.13
C LEU A 132 14.95 29.62 0.56
N ALA A 133 14.84 29.91 1.86
CA ALA A 133 13.75 30.73 2.42
C ALA A 133 13.71 32.11 1.71
N GLU A 134 14.86 32.72 1.48
CA GLU A 134 14.94 33.99 0.72
C GLU A 134 14.55 33.77 -0.76
N ALA A 135 15.08 32.76 -1.43
CA ALA A 135 14.94 32.57 -2.88
C ALA A 135 13.50 32.16 -3.26
N ALA A 136 12.77 31.53 -2.36
CA ALA A 136 11.56 30.78 -2.71
C ALA A 136 10.45 31.71 -3.18
N SER A 137 10.50 32.98 -2.83
CA SER A 137 9.45 33.97 -3.21
C SER A 137 9.92 34.88 -4.34
N LYS A 138 11.15 34.72 -4.89
CA LYS A 138 11.78 35.63 -5.89
C LYS A 138 11.53 35.09 -7.31
N ALA A 139 11.24 35.96 -8.29
CA ALA A 139 10.88 35.51 -9.65
C ALA A 139 11.96 34.61 -10.21
N ASP A 140 13.24 34.88 -9.91
CA ASP A 140 14.42 34.12 -10.41
C ASP A 140 14.99 33.21 -9.30
N GLY A 141 14.19 32.84 -8.31
CA GLY A 141 14.71 32.19 -7.11
C GLY A 141 14.86 30.68 -7.22
N LEU A 142 14.01 30.03 -8.00
CA LEU A 142 13.98 28.55 -8.06
C LEU A 142 14.07 28.05 -9.48
N ALA A 143 14.71 26.90 -9.64
CA ALA A 143 14.84 26.19 -10.95
C ALA A 143 14.43 24.74 -10.67
N VAL A 144 13.43 24.25 -11.36
CA VAL A 144 12.93 22.89 -11.11
C VAL A 144 12.94 22.14 -12.44
N ILE A 145 13.61 20.99 -12.45
CA ILE A 145 13.55 20.02 -13.58
C ILE A 145 12.34 19.13 -13.35
N GLY A 146 11.44 19.07 -14.35
CA GLY A 146 10.32 18.14 -14.36
C GLY A 146 10.60 17.02 -15.32
N VAL A 147 10.37 15.79 -14.91
CA VAL A 147 10.50 14.61 -15.78
C VAL A 147 9.19 13.85 -15.76
N LEU A 148 8.60 13.65 -16.92
CA LEU A 148 7.34 12.90 -17.09
C LEU A 148 7.62 11.42 -16.96
N MET A 149 6.81 10.73 -16.15
CA MET A 149 7.03 9.29 -15.88
C MET A 149 5.91 8.47 -16.52
N LYS A 150 6.29 7.67 -17.51
CA LYS A 150 5.37 6.87 -18.33
C LYS A 150 5.28 5.44 -17.80
N VAL A 151 4.07 5.01 -17.50
CA VAL A 151 3.88 3.66 -16.94
C VAL A 151 4.32 2.63 -17.98
N GLY A 152 5.09 1.66 -17.53
CA GLY A 152 5.67 0.60 -18.38
C GLY A 152 6.59 -0.26 -17.57
N GLU A 153 7.83 -0.38 -17.98
CA GLU A 153 8.79 -1.29 -17.31
C GLU A 153 9.18 -0.70 -15.95
N ALA A 154 9.35 -1.54 -14.95
CA ALA A 154 9.96 -1.13 -13.65
C ALA A 154 11.25 -0.35 -13.92
N ASN A 155 11.42 0.74 -13.18
CA ASN A 155 12.63 1.56 -13.28
C ASN A 155 13.58 1.24 -12.12
N PRO A 156 14.71 0.57 -12.35
CA PRO A 156 15.57 0.17 -11.25
C PRO A 156 16.26 1.37 -10.56
N LYS A 157 16.32 2.53 -11.23
CA LYS A 157 17.00 3.71 -10.65
C LYS A 157 16.16 4.22 -9.47
N LEU A 158 14.86 3.94 -9.46
CA LEU A 158 14.00 4.31 -8.31
C LEU A 158 14.22 3.42 -7.09
N GLN A 159 15.10 2.40 -7.11
CA GLN A 159 15.10 1.34 -6.07
C GLN A 159 15.37 1.91 -4.68
N LYS A 160 16.41 2.71 -4.52
CA LYS A 160 16.85 3.17 -3.17
C LYS A 160 15.67 3.95 -2.60
N VAL A 161 15.01 4.75 -3.45
CA VAL A 161 13.92 5.66 -3.01
C VAL A 161 12.75 4.82 -2.52
N LEU A 162 12.30 3.87 -3.35
CA LEU A 162 11.18 2.98 -2.99
C LEU A 162 11.48 2.15 -1.74
N ASP A 163 12.70 1.63 -1.62
CA ASP A 163 13.06 0.79 -0.47
C ASP A 163 13.01 1.63 0.81
N ALA A 164 13.13 2.96 0.72
CA ALA A 164 13.21 3.81 1.93
C ALA A 164 11.81 4.10 2.48
N LEU A 165 10.75 3.95 1.69
CA LEU A 165 9.41 4.41 2.06
C LEU A 165 8.89 3.62 3.30
N GLN A 166 9.31 2.38 3.46
CA GLN A 166 8.77 1.59 4.60
C GLN A 166 9.16 2.24 5.92
N ALA A 167 10.22 3.06 5.97
CA ALA A 167 10.62 3.72 7.23
C ALA A 167 9.92 5.05 7.44
N ILE A 168 9.12 5.54 6.49
CA ILE A 168 8.47 6.86 6.61
C ILE A 168 6.99 6.72 6.23
N LYS A 169 6.33 5.63 6.68
CA LYS A 169 4.98 5.31 6.20
C LYS A 169 3.94 6.38 6.53
N THR A 170 4.02 7.04 7.70
CA THR A 170 2.99 7.97 8.23
C THR A 170 3.59 9.38 8.34
N LYS A 171 2.67 10.29 8.37
CA LYS A 171 2.94 11.74 8.35
C LYS A 171 3.94 12.09 9.43
N GLY A 172 4.94 12.86 9.03
CA GLY A 172 5.95 13.37 9.96
C GLY A 172 7.16 12.50 10.13
N LYS A 173 7.07 11.18 9.82
CA LYS A 173 8.21 10.30 9.92
C LYS A 173 9.30 10.75 8.96
N ARG A 174 10.54 10.59 9.37
CA ARG A 174 11.70 10.99 8.58
C ARG A 174 12.85 10.07 8.93
N ALA A 175 13.69 9.87 7.97
CA ALA A 175 14.84 8.99 8.14
C ALA A 175 16.01 9.51 7.36
N PRO A 176 17.26 9.15 7.74
CA PRO A 176 18.40 9.47 6.92
C PRO A 176 18.32 8.80 5.53
N PHE A 177 18.73 9.55 4.52
CA PHE A 177 18.77 9.09 3.12
C PHE A 177 20.04 9.64 2.51
N THR A 178 21.08 8.79 2.39
CA THR A 178 22.43 9.28 2.07
C THR A 178 23.01 8.62 0.80
N ASN A 179 24.08 9.21 0.33
CA ASN A 179 24.93 8.66 -0.74
C ASN A 179 24.06 8.34 -1.96
N PHE A 180 23.38 9.36 -2.46
CA PHE A 180 22.51 9.22 -3.65
C PHE A 180 22.64 10.45 -4.54
N ASP A 181 22.90 10.20 -5.83
CA ASP A 181 23.00 11.23 -6.88
C ASP A 181 21.73 11.22 -7.76
N PRO A 182 20.78 12.18 -7.63
CA PRO A 182 19.49 12.09 -8.32
C PRO A 182 19.61 12.38 -9.82
N SER A 183 20.77 12.79 -10.32
CA SER A 183 21.00 12.83 -11.80
C SER A 183 20.82 11.42 -12.37
N THR A 184 20.91 10.35 -11.59
CA THR A 184 20.69 8.97 -12.08
C THR A 184 19.25 8.74 -12.48
N LEU A 185 18.31 9.60 -12.04
CA LEU A 185 16.86 9.48 -12.33
C LEU A 185 16.52 10.22 -13.62
N LEU A 186 17.39 11.06 -14.14
CA LEU A 186 17.08 11.89 -15.33
C LEU A 186 17.18 11.03 -16.60
N PRO A 187 16.41 11.38 -17.64
CA PRO A 187 16.48 10.67 -18.91
C PRO A 187 17.84 10.90 -19.59
N SER A 188 18.13 10.05 -20.59
CA SER A 188 19.42 10.09 -21.34
C SER A 188 19.61 11.43 -22.05
N SER A 189 18.58 11.92 -22.68
CA SER A 189 18.53 13.23 -23.37
C SER A 189 18.07 14.25 -22.35
N LEU A 190 18.74 15.41 -22.29
CA LEU A 190 18.28 16.54 -21.47
C LEU A 190 17.71 17.64 -22.37
N ASP A 191 17.29 17.29 -23.59
CA ASP A 191 16.46 18.22 -24.40
C ASP A 191 15.25 18.66 -23.58
N PHE A 192 14.90 19.94 -23.61
CA PHE A 192 13.91 20.50 -22.66
C PHE A 192 13.06 21.61 -23.22
N TRP A 193 11.92 21.82 -22.58
CA TRP A 193 11.08 23.01 -22.66
C TRP A 193 11.37 23.85 -21.42
N THR A 194 11.30 25.17 -21.52
CA THR A 194 11.39 26.06 -20.35
C THR A 194 10.27 27.09 -20.41
N TYR A 195 9.71 27.47 -19.28
CA TYR A 195 8.74 28.59 -19.17
C TYR A 195 8.79 29.10 -17.73
N PRO A 196 8.44 30.38 -17.51
CA PRO A 196 8.37 30.94 -16.17
C PRO A 196 7.06 30.58 -15.53
N GLY A 197 7.13 30.00 -14.32
CA GLY A 197 5.94 29.54 -13.63
C GLY A 197 6.08 29.56 -12.14
N SER A 198 5.47 28.59 -11.47
CA SER A 198 5.21 28.67 -10.04
C SER A 198 5.46 27.35 -9.34
N LEU A 199 5.47 27.39 -8.01
CA LEU A 199 5.26 26.14 -7.23
C LEU A 199 3.90 25.57 -7.60
N THR A 200 3.75 24.26 -7.59
CA THR A 200 2.47 23.64 -8.03
C THR A 200 1.58 23.32 -6.85
N HIS A 201 1.94 23.74 -5.64
CA HIS A 201 1.04 23.66 -4.48
C HIS A 201 1.33 24.83 -3.57
N PRO A 202 0.44 25.12 -2.59
CA PRO A 202 0.69 26.27 -1.72
C PRO A 202 2.10 26.18 -1.14
N PRO A 203 2.80 27.33 -1.03
CA PRO A 203 2.22 28.66 -1.27
C PRO A 203 2.13 29.20 -2.70
N LEU A 204 2.43 28.37 -3.70
CA LEU A 204 2.14 28.72 -5.12
C LEU A 204 2.90 29.95 -5.62
N TYR A 205 4.04 30.30 -4.98
CA TYR A 205 4.85 31.45 -5.40
C TYR A 205 5.27 31.34 -6.87
N GLU A 206 5.25 32.45 -7.61
CA GLU A 206 5.63 32.49 -9.03
C GLU A 206 7.13 32.75 -9.09
N SER A 207 7.93 31.78 -8.64
CA SER A 207 9.37 31.87 -8.41
C SER A 207 10.14 30.83 -9.20
N VAL A 208 9.46 30.05 -10.07
CA VAL A 208 10.10 28.85 -10.68
C VAL A 208 10.37 29.05 -12.17
N THR A 209 11.61 28.83 -12.58
CA THR A 209 11.95 28.58 -13.98
C THR A 209 11.83 27.07 -14.17
N TRP A 210 10.82 26.62 -14.92
CA TRP A 210 10.61 25.19 -15.21
C TRP A 210 11.49 24.72 -16.34
N ILE A 211 12.11 23.56 -16.18
CA ILE A 211 12.89 22.83 -17.18
C ILE A 211 12.23 21.48 -17.36
N ILE A 212 11.42 21.32 -18.41
CA ILE A 212 10.66 20.06 -18.58
C ILE A 212 11.35 19.24 -19.62
N CYS A 213 11.72 18.03 -19.29
CA CYS A 213 12.44 17.10 -20.20
C CYS A 213 11.48 16.60 -21.29
N LYS A 214 11.99 16.57 -22.54
CA LYS A 214 11.22 16.01 -23.66
C LYS A 214 11.05 14.49 -23.50
N GLU A 215 12.12 13.82 -23.10
CA GLU A 215 12.14 12.34 -22.90
CA GLU A 215 12.14 12.35 -22.90
C GLU A 215 11.55 11.99 -21.54
N SER A 216 10.68 11.01 -21.53
CA SER A 216 10.11 10.44 -20.30
C SER A 216 11.10 9.44 -19.72
N ILE A 217 10.83 9.11 -18.45
CA ILE A 217 11.44 7.93 -17.80
C ILE A 217 10.31 6.96 -17.45
N SER A 218 10.69 5.71 -17.25
CA SER A 218 9.66 4.68 -16.97
CA SER A 218 9.72 4.63 -16.97
C SER A 218 9.34 4.57 -15.48
N VAL A 219 8.24 3.91 -15.21
CA VAL A 219 7.80 3.53 -13.84
C VAL A 219 6.84 2.37 -14.03
N SER A 220 6.88 1.36 -13.18
CA SER A 220 5.88 0.27 -13.28
C SER A 220 4.61 0.61 -12.51
N SER A 221 3.51 -0.07 -12.85
CA SER A 221 2.23 -0.03 -12.10
CA SER A 221 2.23 0.03 -12.10
C SER A 221 2.46 -0.31 -10.61
N GLU A 222 3.37 -1.24 -10.32
CA GLU A 222 3.61 -1.65 -8.90
C GLU A 222 4.46 -0.58 -8.19
N GLN A 223 5.41 0.05 -8.87
CA GLN A 223 6.17 1.17 -8.28
C GLN A 223 5.21 2.32 -7.95
N LEU A 224 4.27 2.67 -8.80
CA LEU A 224 3.27 3.72 -8.53
C LEU A 224 2.44 3.31 -7.31
N ALA A 225 2.05 2.03 -7.22
CA ALA A 225 1.32 1.53 -6.03
C ALA A 225 2.11 1.83 -4.75
N GLN A 226 3.42 1.69 -4.74
CA GLN A 226 4.25 1.99 -3.56
C GLN A 226 4.01 3.45 -3.15
N PHE A 227 4.06 4.39 -4.09
CA PHE A 227 3.76 5.79 -3.73
C PHE A 227 2.39 5.87 -3.07
N ARG A 228 1.36 5.26 -3.66
CA ARG A 228 -0.03 5.43 -3.20
C ARG A 228 -0.29 4.69 -1.87
N SER A 229 0.64 3.83 -1.47
CA SER A 229 0.50 3.10 -0.19
C SER A 229 1.09 3.95 0.94
N LEU A 230 1.84 5.01 0.64
CA LEU A 230 2.23 5.93 1.76
C LEU A 230 0.97 6.47 2.41
N LEU A 231 1.05 6.80 3.71
CA LEU A 231 -0.12 7.23 4.48
C LEU A 231 0.00 8.70 4.85
N SER A 232 -1.10 9.39 4.72
CA SER A 232 -1.22 10.83 4.99
C SER A 232 -1.51 11.07 6.46
N ASN A 233 -1.99 10.07 7.14
CA ASN A 233 -2.34 10.21 8.58
C ASN A 233 -1.09 10.05 9.43
N VAL A 234 -1.19 10.46 10.72
CA VAL A 234 -0.10 10.15 11.69
C VAL A 234 -0.27 8.74 12.27
N GLU A 235 0.81 8.19 12.72
CA GLU A 235 0.84 6.84 13.34
C GLU A 235 -0.25 6.71 14.41
N GLY A 236 -1.00 5.60 14.36
CA GLY A 236 -2.02 5.30 15.38
C GLY A 236 -3.40 5.73 14.91
N ASP A 237 -3.51 6.63 13.94
CA ASP A 237 -4.81 7.03 13.36
C ASP A 237 -5.21 6.06 12.26
N ASN A 238 -6.48 6.14 11.86
CA ASN A 238 -7.01 5.38 10.73
C ASN A 238 -6.12 5.68 9.52
N ALA A 239 -5.74 4.63 8.81
CA ALA A 239 -4.93 4.72 7.57
C ALA A 239 -5.66 5.51 6.48
N VAL A 240 -4.98 6.50 5.90
CA VAL A 240 -5.53 7.32 4.78
C VAL A 240 -4.44 7.31 3.72
N PRO A 241 -4.46 6.38 2.75
CA PRO A 241 -3.47 6.38 1.66
C PRO A 241 -3.40 7.72 0.93
N MET A 242 -2.17 8.02 0.51
CA MET A 242 -1.82 9.17 -0.33
C MET A 242 -2.16 8.86 -1.79
N GLN A 243 -3.42 8.98 -2.15
CA GLN A 243 -3.89 8.45 -3.44
C GLN A 243 -3.38 9.29 -4.61
N HIS A 244 -3.22 10.60 -4.41
CA HIS A 244 -2.85 11.53 -5.51
C HIS A 244 -2.37 12.85 -4.93
N ASN A 245 -1.58 13.56 -5.72
CA ASN A 245 -1.12 14.91 -5.31
C ASN A 245 -0.72 15.73 -6.55
N ASN A 246 -1.42 15.54 -7.67
CA ASN A 246 -1.14 16.31 -8.89
C ASN A 246 -2.14 17.44 -9.07
N ARG A 247 -1.64 18.61 -9.40
CA ARG A 247 -2.50 19.78 -9.69
C ARG A 247 -2.89 19.77 -11.16
N PRO A 248 -4.15 20.17 -11.49
CA PRO A 248 -4.48 20.34 -12.91
C PRO A 248 -3.61 21.40 -13.60
N THR A 249 -3.51 21.36 -14.92
CA THR A 249 -2.84 22.38 -15.72
C THR A 249 -3.62 23.71 -15.68
N GLN A 250 -2.86 24.77 -15.75
CA GLN A 250 -3.26 26.16 -15.52
C GLN A 250 -3.07 26.92 -16.82
N PRO A 251 -3.84 27.99 -17.01
CA PRO A 251 -3.73 28.80 -18.21
C PRO A 251 -2.37 29.48 -18.43
N LEU A 252 -1.87 29.48 -19.67
CA LEU A 252 -0.56 30.11 -20.02
C LEU A 252 -0.61 31.62 -19.89
N LYS A 253 -1.79 32.25 -20.05
CA LYS A 253 -1.97 33.72 -19.88
C LYS A 253 -0.86 34.44 -20.65
N GLY A 254 -0.62 34.02 -21.89
CA GLY A 254 0.31 34.67 -22.83
C GLY A 254 1.77 34.35 -22.63
N ARG A 255 2.14 33.45 -21.70
CA ARG A 255 3.56 33.04 -21.62
C ARG A 255 3.95 32.23 -22.84
N THR A 256 5.24 32.25 -23.13
CA THR A 256 5.89 31.48 -24.22
C THR A 256 6.62 30.29 -23.59
N VAL A 257 6.32 29.08 -24.08
CA VAL A 257 7.15 27.90 -23.75
C VAL A 257 8.24 27.81 -24.80
N ARG A 258 9.49 27.90 -24.41
CA ARG A 258 10.63 27.80 -25.31
C ARG A 258 11.13 26.36 -25.35
N ALA A 259 11.58 25.91 -26.52
CA ALA A 259 12.21 24.59 -26.74
C ALA A 259 13.71 24.72 -26.97
N SER A 260 14.51 23.83 -26.41
CA SER A 260 15.98 23.77 -26.60
C SER A 260 16.33 23.02 -27.90
N PHE A 261 15.33 22.43 -28.52
CA PHE A 261 15.48 21.44 -29.61
C PHE A 261 14.48 21.77 -30.72
N ASP B 5 -16.54 -16.57 -11.22
CA ASP B 5 -15.84 -15.40 -10.60
C ASP B 5 -16.57 -14.95 -9.32
N TRP B 6 -15.81 -14.79 -8.24
CA TRP B 6 -16.32 -14.34 -6.93
C TRP B 6 -15.28 -13.39 -6.31
N GLY B 7 -15.73 -12.51 -5.45
CA GLY B 7 -14.88 -11.54 -4.75
C GLY B 7 -15.56 -10.99 -3.54
N TYR B 8 -15.22 -9.74 -3.17
CA TYR B 8 -15.79 -9.03 -2.02
C TYR B 8 -16.39 -7.70 -2.45
N ASP B 9 -16.49 -7.45 -3.76
CA ASP B 9 -17.08 -6.16 -4.23
C ASP B 9 -18.61 -6.30 -4.34
N ASP B 10 -19.30 -5.20 -4.65
CA ASP B 10 -20.78 -5.17 -4.72
C ASP B 10 -21.28 -6.18 -5.77
N LYS B 11 -20.57 -6.31 -6.89
CA LYS B 11 -21.02 -7.14 -8.03
C LYS B 11 -20.78 -8.63 -7.75
N ASN B 12 -19.70 -9.01 -7.04
CA ASN B 12 -19.32 -10.44 -6.96
C ASN B 12 -19.13 -10.90 -5.51
N GLY B 13 -19.66 -10.15 -4.56
CA GLY B 13 -19.38 -10.29 -3.12
C GLY B 13 -20.31 -11.26 -2.42
N PRO B 14 -20.18 -11.36 -1.07
CA PRO B 14 -20.93 -12.32 -0.27
C PRO B 14 -22.44 -12.37 -0.50
N GLU B 15 -23.08 -11.22 -0.78
CA GLU B 15 -24.55 -11.20 -1.01
C GLU B 15 -24.91 -11.89 -2.34
N GLN B 16 -23.96 -12.04 -3.24
CA GLN B 16 -24.13 -12.61 -4.61
C GLN B 16 -23.64 -14.06 -4.66
N TRP B 17 -22.88 -14.52 -3.67
CA TRP B 17 -22.17 -15.80 -3.84
C TRP B 17 -23.16 -16.96 -4.11
N SER B 18 -24.38 -16.93 -3.56
CA SER B 18 -25.35 -18.06 -3.64
C SER B 18 -25.67 -18.38 -5.10
N LYS B 19 -25.48 -17.44 -6.02
CA LYS B 19 -25.81 -17.66 -7.47
C LYS B 19 -24.90 -18.75 -8.01
N LEU B 20 -23.61 -18.67 -7.70
CA LEU B 20 -22.62 -19.65 -8.23
C LEU B 20 -22.39 -20.77 -7.20
N TYR B 21 -22.66 -20.51 -5.91
CA TYR B 21 -22.38 -21.47 -4.81
C TYR B 21 -23.60 -21.53 -3.90
N PRO B 22 -24.63 -22.31 -4.30
CA PRO B 22 -25.89 -22.36 -3.55
C PRO B 22 -25.77 -22.69 -2.06
N ILE B 23 -24.72 -23.42 -1.67
CA ILE B 23 -24.42 -23.79 -0.26
C ILE B 23 -24.19 -22.52 0.59
N ALA B 24 -24.02 -21.38 -0.02
CA ALA B 24 -23.90 -20.09 0.71
C ALA B 24 -25.10 -19.88 1.62
N ASN B 25 -26.26 -20.42 1.23
CA ASN B 25 -27.53 -20.31 2.01
C ASN B 25 -27.79 -21.56 2.86
N GLY B 26 -26.77 -22.37 3.13
CA GLY B 26 -26.81 -23.63 3.89
C GLY B 26 -27.10 -23.49 5.36
N ASN B 27 -27.14 -24.63 6.05
CA ASN B 27 -27.50 -24.63 7.48
C ASN B 27 -26.24 -24.59 8.35
N ASN B 28 -25.05 -24.64 7.75
CA ASN B 28 -23.82 -24.79 8.56
C ASN B 28 -22.81 -23.76 8.08
N GLN B 29 -23.26 -22.56 7.78
CA GLN B 29 -22.39 -21.53 7.18
C GLN B 29 -21.65 -20.75 8.26
N SER B 30 -20.44 -20.29 7.89
CA SER B 30 -19.54 -19.49 8.75
C SER B 30 -19.18 -18.19 8.05
N PRO B 31 -18.78 -17.13 8.78
CA PRO B 31 -18.64 -17.13 10.23
C PRO B 31 -19.99 -16.94 10.93
N VAL B 32 -19.98 -16.90 12.24
CA VAL B 32 -21.19 -16.71 13.09
C VAL B 32 -20.84 -15.72 14.19
N ASP B 33 -21.86 -15.10 14.76
CA ASP B 33 -21.73 -14.37 16.03
C ASP B 33 -21.83 -15.36 17.17
N ILE B 34 -20.91 -15.27 18.12
CA ILE B 34 -20.97 -16.09 19.34
C ILE B 34 -21.63 -15.27 20.42
N LYS B 35 -22.84 -15.71 20.78
CA LYS B 35 -23.61 -15.04 21.84
C LYS B 35 -23.27 -15.80 23.12
N THR B 36 -22.46 -15.21 23.96
CA THR B 36 -21.84 -15.89 25.13
C THR B 36 -22.95 -16.34 26.09
N SER B 37 -24.12 -15.67 26.10
CA SER B 37 -25.24 -16.10 27.00
C SER B 37 -25.84 -17.44 26.55
N GLU B 38 -25.63 -17.85 25.30
CA GLU B 38 -26.24 -19.02 24.65
C GLU B 38 -25.18 -20.14 24.46
N THR B 39 -23.94 -19.91 24.88
CA THR B 39 -22.91 -20.99 24.75
C THR B 39 -23.21 -22.06 25.79
N LYS B 40 -22.76 -23.27 25.50
CA LYS B 40 -22.95 -24.45 26.38
C LYS B 40 -21.57 -24.99 26.78
N HIS B 41 -21.30 -25.14 28.04
CA HIS B 41 -20.04 -25.79 28.49
C HIS B 41 -20.16 -27.30 28.29
N ASP B 42 -19.20 -27.87 27.60
CA ASP B 42 -19.17 -29.32 27.29
C ASP B 42 -17.93 -29.92 27.98
N THR B 43 -18.14 -30.78 28.99
CA THR B 43 -17.04 -31.39 29.78
C THR B 43 -16.17 -32.33 28.94
N SER B 44 -16.65 -32.76 27.77
CA SER B 44 -15.92 -33.72 26.91
C SER B 44 -14.88 -32.93 26.09
N LEU B 45 -14.92 -31.58 26.11
CA LEU B 45 -13.93 -30.81 25.31
C LEU B 45 -12.59 -30.80 26.02
N LYS B 46 -11.61 -31.47 25.42
CA LYS B 46 -10.26 -31.43 25.99
C LYS B 46 -9.57 -30.13 25.62
N PRO B 47 -8.46 -29.80 26.29
CA PRO B 47 -7.66 -28.67 25.84
C PRO B 47 -7.18 -28.94 24.41
N ILE B 48 -7.01 -27.85 23.67
CA ILE B 48 -6.35 -27.83 22.34
C ILE B 48 -4.84 -28.03 22.52
N SER B 49 -4.27 -28.93 21.74
CA SER B 49 -2.81 -29.18 21.72
C SER B 49 -2.29 -28.87 20.30
N VAL B 50 -1.44 -27.88 20.16
CA VAL B 50 -0.81 -27.64 18.83
C VAL B 50 0.68 -27.97 18.95
N SER B 51 1.09 -28.79 18.00
CA SER B 51 2.42 -29.48 17.91
C SER B 51 2.93 -29.27 16.47
N TYR B 52 3.47 -28.11 16.24
CA TYR B 52 3.89 -27.69 14.89
C TYR B 52 5.40 -27.83 14.84
N ASN B 53 5.91 -28.10 13.64
CA ASN B 53 7.35 -28.26 13.31
C ASN B 53 7.67 -27.08 12.41
N PRO B 54 8.53 -26.14 12.78
CA PRO B 54 8.79 -24.96 11.95
C PRO B 54 9.40 -25.26 10.56
N ALA B 55 9.97 -26.46 10.39
CA ALA B 55 10.57 -26.87 9.11
C ALA B 55 9.46 -27.21 8.11
N THR B 56 8.19 -27.25 8.54
CA THR B 56 7.08 -27.51 7.60
C THR B 56 6.66 -26.21 6.85
N ALA B 57 7.08 -25.04 7.27
CA ALA B 57 6.73 -23.79 6.57
C ALA B 57 7.26 -23.90 5.14
N LYS B 58 6.46 -23.59 4.12
CA LYS B 58 6.88 -23.77 2.71
C LYS B 58 6.87 -22.46 1.91
N GLU B 59 5.72 -21.77 1.76
CA GLU B 59 5.55 -20.78 0.67
C GLU B 59 4.51 -19.75 1.06
N ILE B 60 4.68 -18.51 0.66
CA ILE B 60 3.65 -17.45 0.82
C ILE B 60 3.19 -17.10 -0.59
N ILE B 61 1.90 -16.89 -0.75
CA ILE B 61 1.32 -16.68 -2.09
C ILE B 61 0.17 -15.66 -2.06
N ASN B 62 0.17 -14.76 -3.02
CA ASN B 62 -0.91 -13.81 -3.23
C ASN B 62 -2.01 -14.50 -4.06
N VAL B 63 -3.18 -14.71 -3.44
CA VAL B 63 -4.32 -15.42 -4.10
C VAL B 63 -5.37 -14.44 -4.61
N GLY B 64 -5.04 -13.18 -4.77
CA GLY B 64 -5.95 -12.18 -5.39
C GLY B 64 -6.88 -11.53 -4.40
N HIS B 65 -7.58 -12.30 -3.57
CA HIS B 65 -8.51 -11.77 -2.56
C HIS B 65 -7.82 -11.72 -1.18
N SER B 66 -6.66 -12.39 -1.04
CA SER B 66 -5.96 -12.58 0.25
C SER B 66 -4.56 -13.03 -0.06
N PHE B 67 -3.83 -13.42 0.97
CA PHE B 67 -2.52 -14.10 0.83
C PHE B 67 -2.57 -15.28 1.77
N HIS B 68 -1.87 -16.34 1.41
CA HIS B 68 -1.86 -17.59 2.18
C HIS B 68 -0.41 -17.94 2.52
N VAL B 69 -0.18 -18.45 3.72
CA VAL B 69 1.13 -19.06 4.07
C VAL B 69 0.89 -20.56 4.15
N ASN B 70 1.49 -21.32 3.26
CA ASN B 70 1.29 -22.76 3.11
C ASN B 70 2.42 -23.57 3.72
N PHE B 71 2.07 -24.74 4.21
CA PHE B 71 2.98 -25.69 4.89
C PHE B 71 3.03 -27.00 4.11
N GLU B 72 4.19 -27.70 4.18
CA GLU B 72 4.27 -29.07 3.66
C GLU B 72 3.29 -29.98 4.43
N ASP B 73 2.43 -30.78 3.78
CA ASP B 73 1.37 -31.56 4.49
C ASP B 73 1.38 -33.03 4.02
N ASN B 74 2.59 -33.51 3.70
CA ASN B 74 2.83 -34.91 3.25
C ASN B 74 2.87 -35.85 4.47
N ASP B 75 3.09 -35.31 5.66
CA ASP B 75 3.17 -36.15 6.86
C ASP B 75 2.61 -35.41 8.08
N ASN B 76 2.63 -36.05 9.24
CA ASN B 76 2.04 -35.46 10.47
C ASN B 76 3.08 -34.79 11.34
N ARG B 77 4.13 -34.16 10.80
CA ARG B 77 5.09 -33.38 11.63
C ARG B 77 4.39 -32.25 12.41
N SER B 78 3.39 -31.61 11.79
CA SER B 78 2.71 -30.42 12.38
C SER B 78 1.23 -30.73 12.53
N VAL B 79 0.75 -30.90 13.80
CA VAL B 79 -0.64 -31.37 14.05
C VAL B 79 -1.32 -30.56 15.14
N LEU B 80 -2.64 -30.51 15.00
CA LEU B 80 -3.61 -30.11 16.05
C LEU B 80 -4.26 -31.37 16.61
N LYS B 81 -4.36 -31.41 17.93
CA LYS B 81 -5.03 -32.52 18.64
C LYS B 81 -5.92 -31.92 19.72
N GLY B 82 -6.79 -32.75 20.28
CA GLY B 82 -7.52 -32.33 21.51
C GLY B 82 -8.79 -31.63 21.14
N GLY B 83 -9.25 -30.78 22.07
CA GLY B 83 -10.52 -30.10 21.85
C GLY B 83 -11.64 -31.10 21.58
N PRO B 84 -12.44 -30.89 20.54
CA PRO B 84 -13.55 -31.80 20.24
C PRO B 84 -13.14 -33.01 19.42
N PHE B 85 -11.85 -33.20 19.11
CA PHE B 85 -11.35 -34.16 18.09
C PHE B 85 -10.84 -35.46 18.75
N SER B 86 -11.07 -36.61 18.13
CA SER B 86 -10.40 -37.86 18.57
C SER B 86 -9.19 -38.16 17.68
N ASP B 87 -9.14 -37.51 16.51
CA ASP B 87 -8.13 -37.69 15.43
C ASP B 87 -7.16 -36.51 15.51
N SER B 88 -5.89 -36.67 15.10
CA SER B 88 -4.98 -35.53 14.80
C SER B 88 -5.32 -34.94 13.42
N TYR B 89 -5.29 -33.61 13.33
CA TYR B 89 -5.43 -32.87 12.05
C TYR B 89 -4.10 -32.23 11.69
N ARG B 90 -3.82 -32.25 10.40
CA ARG B 90 -2.49 -31.85 9.85
C ARG B 90 -2.55 -30.36 9.43
N LEU B 91 -1.63 -29.58 9.94
CA LEU B 91 -1.46 -28.15 9.58
C LEU B 91 -1.23 -28.05 8.08
N PHE B 92 -1.88 -27.12 7.39
CA PHE B 92 -1.49 -26.90 5.97
C PHE B 92 -1.43 -25.42 5.61
N GLN B 93 -2.02 -24.51 6.37
CA GLN B 93 -2.04 -23.09 5.96
C GLN B 93 -2.34 -22.20 7.14
N PHE B 94 -1.90 -20.95 7.11
CA PHE B 94 -2.63 -19.88 7.82
C PHE B 94 -2.80 -18.67 6.91
N HIS B 95 -3.79 -17.86 7.25
CA HIS B 95 -4.08 -16.61 6.52
C HIS B 95 -4.89 -15.70 7.40
N PHE B 96 -5.19 -14.49 6.91
CA PHE B 96 -5.89 -13.47 7.68
C PHE B 96 -7.11 -13.02 6.88
N HIS B 97 -8.01 -12.40 7.60
CA HIS B 97 -9.09 -11.55 7.05
C HIS B 97 -8.98 -10.17 7.67
N TRP B 98 -9.34 -9.16 6.87
CA TRP B 98 -9.38 -7.78 7.35
C TRP B 98 -10.51 -7.03 6.66
N GLY B 99 -10.72 -5.81 7.11
CA GLY B 99 -11.83 -4.99 6.63
C GLY B 99 -11.34 -3.66 6.08
N SER B 100 -12.25 -2.91 5.51
CA SER B 100 -11.89 -1.64 4.83
CA SER B 100 -11.98 -1.61 4.84
C SER B 100 -11.50 -0.59 5.89
N THR B 101 -12.02 -0.71 7.11
CA THR B 101 -11.69 0.16 8.26
C THR B 101 -11.16 -0.71 9.40
N ASN B 102 -10.56 -0.08 10.39
CA ASN B 102 -10.21 -0.83 11.63
C ASN B 102 -11.45 -1.27 12.42
N GLU B 103 -12.62 -0.70 12.18
CA GLU B 103 -13.87 -0.95 12.97
C GLU B 103 -14.49 -2.33 12.71
N HIS B 104 -14.22 -2.96 11.58
CA HIS B 104 -14.81 -4.28 11.26
C HIS B 104 -13.94 -4.89 10.19
N GLY B 105 -13.11 -5.79 10.62
CA GLY B 105 -12.36 -6.66 9.71
C GLY B 105 -12.37 -8.12 10.10
N SER B 106 -12.85 -8.47 11.31
CA SER B 106 -12.95 -9.89 11.67
C SER B 106 -14.11 -10.52 10.92
N GLU B 107 -14.18 -11.84 10.96
CA GLU B 107 -15.28 -12.65 10.39
C GLU B 107 -16.18 -13.02 11.56
N HIS B 108 -15.70 -13.80 12.51
CA HIS B 108 -16.46 -14.10 13.74
C HIS B 108 -16.61 -12.80 14.55
N THR B 109 -17.75 -12.76 15.27
CA THR B 109 -18.02 -11.67 16.23
C THR B 109 -18.33 -12.34 17.55
N VAL B 110 -18.22 -11.57 18.64
CA VAL B 110 -18.58 -12.05 20.00
C VAL B 110 -19.54 -11.05 20.63
N ASP B 111 -20.75 -11.52 20.89
CA ASP B 111 -21.85 -10.65 21.45
C ASP B 111 -22.01 -9.43 20.53
N GLY B 112 -21.90 -9.63 19.22
CA GLY B 112 -22.06 -8.59 18.19
C GLY B 112 -20.88 -7.67 18.04
N VAL B 113 -19.79 -7.88 18.77
CA VAL B 113 -18.59 -7.01 18.66
C VAL B 113 -17.67 -7.53 17.53
N LYS B 114 -17.40 -6.63 16.61
CA LYS B 114 -16.53 -6.87 15.43
C LYS B 114 -15.13 -6.39 15.79
N TYR B 115 -14.17 -7.26 15.59
CA TYR B 115 -12.73 -6.93 15.76
C TYR B 115 -12.15 -6.44 14.46
N SER B 116 -10.87 -6.06 14.48
CA SER B 116 -10.22 -5.41 13.33
C SER B 116 -9.74 -6.40 12.27
N ALA B 117 -9.47 -7.64 12.65
CA ALA B 117 -8.97 -8.64 11.68
C ALA B 117 -9.16 -9.99 12.37
N GLU B 118 -8.80 -11.06 11.68
CA GLU B 118 -8.93 -12.47 12.17
C GLU B 118 -7.83 -13.30 11.50
N LEU B 119 -7.18 -14.13 12.32
CA LEU B 119 -6.22 -15.16 11.91
C LEU B 119 -6.94 -16.48 11.79
N HIS B 120 -6.71 -17.20 10.71
CA HIS B 120 -7.20 -18.56 10.47
C HIS B 120 -5.97 -19.49 10.37
N VAL B 121 -5.95 -20.56 11.16
CA VAL B 121 -4.89 -21.61 11.08
C VAL B 121 -5.65 -22.89 10.71
N ALA B 122 -5.44 -23.40 9.51
CA ALA B 122 -6.23 -24.50 8.91
C ALA B 122 -5.49 -25.84 8.89
N HIS B 123 -6.25 -26.89 9.14
CA HIS B 123 -5.71 -28.27 9.28
C HIS B 123 -6.69 -29.24 8.63
N TRP B 124 -6.22 -30.38 8.13
CA TRP B 124 -7.10 -31.41 7.52
C TRP B 124 -6.93 -32.78 8.20
N ASN B 125 -7.99 -33.58 8.13
CA ASN B 125 -8.13 -34.87 8.87
C ASN B 125 -7.33 -35.96 8.15
N SER B 126 -6.09 -36.10 8.57
CA SER B 126 -5.14 -37.11 8.02
C SER B 126 -5.33 -38.46 8.71
N ALA B 127 -6.16 -38.56 9.73
CA ALA B 127 -6.55 -39.88 10.30
C ALA B 127 -7.51 -40.61 9.34
N LYS B 128 -8.51 -39.92 8.81
CA LYS B 128 -9.64 -40.48 8.03
C LYS B 128 -9.42 -40.36 6.53
N TYR B 129 -8.73 -39.31 6.12
CA TYR B 129 -8.51 -39.00 4.69
C TYR B 129 -7.00 -39.00 4.41
N SER B 130 -6.71 -38.98 3.11
CA SER B 130 -5.33 -39.19 2.58
C SER B 130 -4.87 -37.90 1.90
N SER B 131 -5.75 -36.93 1.68
CA SER B 131 -5.33 -35.65 1.08
C SER B 131 -6.24 -34.51 1.51
N LEU B 132 -5.72 -33.31 1.37
CA LEU B 132 -6.53 -32.09 1.54
C LEU B 132 -7.68 -32.12 0.54
N ALA B 133 -7.43 -32.41 -0.75
CA ALA B 133 -8.52 -32.47 -1.75
C ALA B 133 -9.63 -33.42 -1.28
N GLU B 134 -9.30 -34.57 -0.69
CA GLU B 134 -10.33 -35.55 -0.26
C GLU B 134 -11.09 -34.96 0.94
N ALA B 135 -10.35 -34.39 1.89
CA ALA B 135 -10.86 -33.97 3.21
C ALA B 135 -11.73 -32.72 3.06
N ALA B 136 -11.46 -31.85 2.11
CA ALA B 136 -12.01 -30.45 2.14
C ALA B 136 -13.52 -30.43 2.00
N SER B 137 -14.18 -31.41 1.37
CA SER B 137 -15.65 -31.43 1.17
C SER B 137 -16.36 -32.30 2.23
N LYS B 138 -15.65 -32.84 3.20
CA LYS B 138 -16.22 -33.82 4.18
C LYS B 138 -16.60 -33.08 5.46
N ALA B 139 -17.70 -33.46 6.11
CA ALA B 139 -18.15 -32.75 7.34
C ALA B 139 -17.07 -32.75 8.41
N ASP B 140 -16.27 -33.80 8.50
CA ASP B 140 -15.22 -33.95 9.52
C ASP B 140 -13.84 -33.70 8.88
N GLY B 141 -13.78 -33.04 7.72
CA GLY B 141 -12.52 -32.92 6.96
C GLY B 141 -11.53 -31.91 7.50
N LEU B 142 -12.00 -30.75 7.97
CA LEU B 142 -11.12 -29.59 8.28
C LEU B 142 -11.34 -29.13 9.70
N ALA B 143 -10.28 -28.58 10.26
CA ALA B 143 -10.29 -27.93 11.59
C ALA B 143 -9.58 -26.60 11.44
N VAL B 144 -10.23 -25.50 11.79
CA VAL B 144 -9.61 -24.17 11.66
C VAL B 144 -9.69 -23.42 12.98
N ILE B 145 -8.53 -22.95 13.48
CA ILE B 145 -8.44 -22.09 14.67
C ILE B 145 -8.60 -20.66 14.19
N GLY B 146 -9.57 -19.93 14.77
CA GLY B 146 -9.70 -18.50 14.52
C GLY B 146 -9.30 -17.73 15.74
N VAL B 147 -8.52 -16.68 15.50
CA VAL B 147 -8.07 -15.71 16.53
C VAL B 147 -8.49 -14.30 16.12
N LEU B 148 -9.23 -13.67 16.99
CA LEU B 148 -9.67 -12.29 16.77
C LEU B 148 -8.50 -11.34 17.02
N MET B 149 -8.35 -10.35 16.15
CA MET B 149 -7.25 -9.37 16.24
C MET B 149 -7.80 -7.98 16.55
N LYS B 150 -7.33 -7.42 17.66
CA LYS B 150 -7.80 -6.15 18.20
C LYS B 150 -6.82 -5.02 17.90
N VAL B 151 -7.26 -4.01 17.20
CA VAL B 151 -6.36 -2.89 16.82
C VAL B 151 -5.84 -2.20 18.09
N GLY B 152 -4.52 -2.00 18.13
CA GLY B 152 -3.85 -1.34 19.26
C GLY B 152 -2.38 -1.34 19.04
N GLU B 153 -1.59 -1.91 19.95
CA GLU B 153 -0.11 -1.96 19.83
C GLU B 153 0.28 -2.86 18.66
N ALA B 154 1.36 -2.52 17.96
CA ALA B 154 1.95 -3.40 16.93
C ALA B 154 2.29 -4.75 17.52
N ASN B 155 2.00 -5.81 16.77
CA ASN B 155 2.24 -7.18 17.21
C ASN B 155 3.53 -7.65 16.58
N PRO B 156 4.64 -7.75 17.33
CA PRO B 156 5.90 -8.13 16.70
C PRO B 156 5.95 -9.54 16.13
N LYS B 157 5.03 -10.41 16.52
CA LYS B 157 4.98 -11.80 16.09
C LYS B 157 4.60 -11.82 14.60
N LEU B 158 3.95 -10.76 14.11
CA LEU B 158 3.56 -10.64 12.67
C LEU B 158 4.71 -10.24 11.78
N GLN B 159 5.85 -9.81 12.33
CA GLN B 159 6.95 -9.22 11.52
C GLN B 159 7.35 -10.07 10.32
N LYS B 160 7.66 -11.37 10.50
CA LYS B 160 8.19 -12.22 9.40
C LYS B 160 7.15 -12.20 8.28
N VAL B 161 5.87 -12.32 8.65
CA VAL B 161 4.79 -12.36 7.63
C VAL B 161 4.74 -11.01 6.91
N LEU B 162 4.67 -9.89 7.64
CA LEU B 162 4.54 -8.56 6.99
C LEU B 162 5.75 -8.25 6.10
N ASP B 163 6.95 -8.66 6.52
CA ASP B 163 8.20 -8.39 5.76
C ASP B 163 8.19 -9.19 4.45
N ALA B 164 7.49 -10.31 4.39
CA ALA B 164 7.44 -11.15 3.18
C ALA B 164 6.54 -10.54 2.11
N LEU B 165 5.66 -9.65 2.47
CA LEU B 165 4.58 -9.23 1.57
C LEU B 165 5.17 -8.50 0.36
N GLN B 166 6.30 -7.82 0.53
CA GLN B 166 6.86 -7.05 -0.62
C GLN B 166 7.21 -7.97 -1.77
N ALA B 167 7.44 -9.26 -1.56
CA ALA B 167 7.83 -10.23 -2.61
C ALA B 167 6.58 -10.82 -3.29
N ILE B 168 5.36 -10.53 -2.78
CA ILE B 168 4.14 -11.17 -3.36
C ILE B 168 3.09 -10.09 -3.59
N LYS B 169 3.44 -8.92 -4.16
CA LYS B 169 2.51 -7.80 -4.17
C LYS B 169 1.30 -8.01 -5.05
N THR B 170 1.44 -8.75 -6.18
CA THR B 170 0.34 -8.95 -7.14
C THR B 170 -0.14 -10.41 -7.15
N LYS B 171 -1.32 -10.55 -7.72
CA LYS B 171 -2.02 -11.85 -7.79
C LYS B 171 -1.15 -12.86 -8.50
N GLY B 172 -0.96 -14.04 -7.87
CA GLY B 172 -0.22 -15.16 -8.41
C GLY B 172 1.23 -15.20 -8.01
N LYS B 173 1.79 -14.09 -7.48
CA LYS B 173 3.18 -14.14 -7.02
C LYS B 173 3.31 -15.02 -5.76
N ARG B 174 4.45 -15.66 -5.61
CA ARG B 174 4.70 -16.57 -4.51
C ARG B 174 6.19 -16.54 -4.19
N ALA B 175 6.53 -16.84 -2.96
CA ALA B 175 7.93 -16.84 -2.53
C ALA B 175 8.13 -17.87 -1.45
N PRO B 176 9.33 -18.46 -1.32
CA PRO B 176 9.61 -19.33 -0.20
C PRO B 176 9.36 -18.62 1.13
N PHE B 177 8.81 -19.36 2.09
CA PHE B 177 8.57 -18.87 3.47
C PHE B 177 8.82 -20.06 4.40
N THR B 178 9.98 -20.05 5.09
CA THR B 178 10.52 -21.26 5.77
C THR B 178 10.84 -21.00 7.24
N ASN B 179 10.92 -22.08 8.01
CA ASN B 179 11.38 -22.03 9.41
C ASN B 179 10.44 -21.08 10.20
N PHE B 180 9.18 -21.48 10.37
CA PHE B 180 8.17 -20.61 11.06
C PHE B 180 7.11 -21.50 11.68
N ASP B 181 6.89 -21.32 13.00
CA ASP B 181 5.92 -22.07 13.81
C ASP B 181 4.79 -21.08 14.03
N PRO B 182 3.64 -21.26 13.37
CA PRO B 182 2.57 -20.27 13.53
C PRO B 182 1.86 -20.35 14.89
N SER B 183 2.18 -21.34 15.71
CA SER B 183 1.66 -21.34 17.10
C SER B 183 2.16 -20.10 17.83
N THR B 184 3.23 -19.46 17.39
CA THR B 184 3.75 -18.19 17.95
C THR B 184 2.76 -17.01 17.79
N LEU B 185 1.75 -17.17 16.93
CA LEU B 185 0.75 -16.12 16.65
C LEU B 185 -0.45 -16.29 17.56
N LEU B 186 -0.60 -17.43 18.19
CA LEU B 186 -1.78 -17.69 19.06
C LEU B 186 -1.69 -16.92 20.37
N PRO B 187 -2.82 -16.65 21.05
CA PRO B 187 -2.78 -16.07 22.37
C PRO B 187 -2.21 -17.06 23.41
N SER B 188 -1.88 -16.49 24.56
CA SER B 188 -1.25 -17.22 25.70
CA SER B 188 -1.22 -17.24 25.66
C SER B 188 -2.15 -18.35 26.15
N SER B 189 -3.43 -18.04 26.36
CA SER B 189 -4.46 -18.99 26.81
C SER B 189 -5.20 -19.52 25.57
N LEU B 190 -5.46 -20.81 25.49
CA LEU B 190 -6.22 -21.42 24.38
C LEU B 190 -7.59 -21.86 24.83
N ASP B 191 -8.25 -21.16 25.77
CA ASP B 191 -9.70 -21.35 26.04
C ASP B 191 -10.41 -21.12 24.71
N PHE B 192 -11.48 -21.86 24.38
CA PHE B 192 -12.06 -21.77 23.03
C PHE B 192 -13.57 -22.04 23.05
N TRP B 193 -14.19 -21.58 22.00
CA TRP B 193 -15.53 -21.98 21.54
C TRP B 193 -15.40 -22.88 20.34
N THR B 194 -16.34 -23.77 20.14
CA THR B 194 -16.32 -24.62 18.93
C THR B 194 -17.74 -24.77 18.37
N TYR B 195 -17.84 -24.83 17.07
CA TYR B 195 -19.14 -25.10 16.42
C TYR B 195 -18.89 -25.68 15.05
N PRO B 196 -19.85 -26.42 14.46
CA PRO B 196 -19.69 -26.96 13.13
C PRO B 196 -20.04 -25.92 12.08
N GLY B 197 -19.16 -25.69 11.12
CA GLY B 197 -19.40 -24.67 10.10
C GLY B 197 -18.70 -24.96 8.80
N SER B 198 -18.32 -23.92 8.12
CA SER B 198 -17.97 -23.93 6.70
C SER B 198 -16.67 -23.14 6.45
N LEU B 199 -16.17 -23.32 5.24
CA LEU B 199 -15.23 -22.33 4.68
C LEU B 199 -15.95 -20.98 4.61
N THR B 200 -15.25 -19.86 4.83
CA THR B 200 -15.93 -18.54 4.85
C THR B 200 -15.92 -17.86 3.48
N HIS B 201 -15.38 -18.51 2.46
CA HIS B 201 -15.49 -18.01 1.08
C HIS B 201 -15.63 -19.23 0.17
N PRO B 202 -15.96 -19.00 -1.11
CA PRO B 202 -16.11 -20.12 -2.05
C PRO B 202 -14.86 -20.99 -1.98
N PRO B 203 -15.01 -22.32 -2.00
CA PRO B 203 -16.28 -23.00 -2.32
C PRO B 203 -17.27 -23.23 -1.16
N LEU B 204 -17.05 -22.64 0.01
CA LEU B 204 -18.09 -22.58 1.09
C LEU B 204 -18.49 -23.97 1.61
N TYR B 205 -17.67 -24.98 1.42
CA TYR B 205 -18.00 -26.34 1.90
C TYR B 205 -18.27 -26.32 3.40
N GLU B 206 -19.21 -27.12 3.84
CA GLU B 206 -19.59 -27.23 5.27
C GLU B 206 -18.77 -28.35 5.88
N SER B 207 -17.45 -28.14 5.95
CA SER B 207 -16.45 -29.17 6.25
C SER B 207 -15.61 -28.79 7.45
N VAL B 208 -15.93 -27.66 8.12
CA VAL B 208 -15.00 -27.06 9.11
C VAL B 208 -15.51 -27.22 10.54
N THR B 209 -14.69 -27.79 11.41
CA THR B 209 -14.89 -27.67 12.87
C THR B 209 -14.13 -26.44 13.29
N TRP B 210 -14.84 -25.38 13.68
CA TRP B 210 -14.20 -24.11 14.11
C TRP B 210 -13.78 -24.16 15.57
N ILE B 211 -12.56 -23.69 15.83
CA ILE B 211 -12.00 -23.51 17.18
C ILE B 211 -11.75 -22.01 17.29
N ILE B 212 -12.64 -21.27 18.00
CA ILE B 212 -12.47 -19.80 18.12
C ILE B 212 -11.90 -19.49 19.47
N CYS B 213 -10.71 -18.88 19.51
CA CYS B 213 -10.05 -18.57 20.78
C CYS B 213 -10.86 -17.49 21.51
N LYS B 214 -11.01 -17.67 22.84
CA LYS B 214 -11.61 -16.66 23.69
C LYS B 214 -10.75 -15.40 23.71
N GLU B 215 -9.44 -15.57 23.75
CA GLU B 215 -8.51 -14.43 23.89
C GLU B 215 -8.11 -13.90 22.50
N SER B 216 -8.01 -12.58 22.39
CA SER B 216 -7.59 -11.86 21.15
C SER B 216 -6.09 -11.64 21.19
N ILE B 217 -5.57 -11.27 20.01
CA ILE B 217 -4.16 -10.80 19.85
C ILE B 217 -4.21 -9.41 19.27
N SER B 218 -3.11 -8.66 19.41
CA SER B 218 -3.06 -7.26 18.94
CA SER B 218 -3.00 -7.26 18.95
C SER B 218 -2.62 -7.19 17.47
N VAL B 219 -2.87 -6.04 16.89
CA VAL B 219 -2.36 -5.64 15.57
C VAL B 219 -2.40 -4.12 15.56
N SER B 220 -1.48 -3.44 14.89
CA SER B 220 -1.53 -1.98 14.79
C SER B 220 -2.28 -1.53 13.54
N SER B 221 -2.71 -0.28 13.53
CA SER B 221 -3.33 0.35 12.36
C SER B 221 -2.40 0.27 11.16
N GLU B 222 -1.08 0.38 11.36
CA GLU B 222 -0.16 0.42 10.20
C GLU B 222 0.10 -1.02 9.72
N GLN B 223 0.06 -2.02 10.60
CA GLN B 223 0.17 -3.42 10.16
C GLN B 223 -1.07 -3.77 9.32
N LEU B 224 -2.26 -3.35 9.72
CA LEU B 224 -3.46 -3.58 8.89
C LEU B 224 -3.32 -2.89 7.53
N ALA B 225 -2.74 -1.70 7.51
CA ALA B 225 -2.54 -1.00 6.23
C ALA B 225 -1.59 -1.81 5.34
N GLN B 226 -0.60 -2.57 5.86
CA GLN B 226 0.28 -3.41 5.04
C GLN B 226 -0.55 -4.50 4.36
N PHE B 227 -1.48 -5.14 5.07
CA PHE B 227 -2.37 -6.12 4.40
C PHE B 227 -3.14 -5.44 3.26
N ARG B 228 -3.66 -4.25 3.48
CA ARG B 228 -4.50 -3.55 2.48
C ARG B 228 -3.65 -3.00 1.32
N SER B 229 -2.34 -3.02 1.45
CA SER B 229 -1.43 -2.55 0.38
C SER B 229 -1.11 -3.72 -0.58
N LEU B 230 -1.49 -4.95 -0.24
CA LEU B 230 -1.40 -6.02 -1.25
C LEU B 230 -2.35 -5.65 -2.38
N LEU B 231 -2.04 -6.17 -3.57
CA LEU B 231 -2.82 -5.88 -4.80
C LEU B 231 -3.53 -7.14 -5.30
N SER B 232 -4.78 -6.95 -5.68
CA SER B 232 -5.64 -8.04 -6.18
C SER B 232 -5.37 -8.30 -7.66
N ASN B 233 -4.80 -7.35 -8.36
CA ASN B 233 -4.59 -7.45 -9.83
C ASN B 233 -3.32 -8.25 -10.12
N VAL B 234 -3.14 -8.71 -11.37
CA VAL B 234 -1.88 -9.29 -11.84
C VAL B 234 -0.90 -8.17 -12.22
N GLU B 235 0.35 -8.53 -12.13
CA GLU B 235 1.49 -7.64 -12.46
C GLU B 235 1.21 -6.94 -13.80
N GLY B 236 1.45 -5.64 -13.82
CA GLY B 236 1.34 -4.78 -15.01
C GLY B 236 -0.02 -4.17 -15.19
N ASP B 237 -1.09 -4.71 -14.63
CA ASP B 237 -2.41 -4.07 -14.63
C ASP B 237 -2.41 -2.94 -13.61
N ASN B 238 -3.39 -2.05 -13.72
CA ASN B 238 -3.49 -0.91 -12.78
C ASN B 238 -3.66 -1.53 -11.38
N ALA B 239 -3.00 -0.94 -10.40
CA ALA B 239 -2.97 -1.47 -9.02
C ALA B 239 -4.36 -1.33 -8.36
N VAL B 240 -4.83 -2.43 -7.77
CA VAL B 240 -6.12 -2.46 -7.06
C VAL B 240 -5.86 -3.03 -5.66
N PRO B 241 -5.79 -2.16 -4.64
CA PRO B 241 -5.57 -2.63 -3.27
C PRO B 241 -6.62 -3.64 -2.83
N MET B 242 -6.15 -4.59 -2.04
CA MET B 242 -6.96 -5.62 -1.35
C MET B 242 -7.56 -4.99 -0.11
N GLN B 243 -8.65 -4.27 -0.24
CA GLN B 243 -9.16 -3.42 0.86
C GLN B 243 -9.86 -4.23 1.93
N HIS B 244 -10.48 -5.35 1.58
CA HIS B 244 -11.24 -6.15 2.58
C HIS B 244 -11.54 -7.54 2.02
N ASN B 245 -11.74 -8.48 2.93
CA ASN B 245 -12.02 -9.88 2.57
C ASN B 245 -12.74 -10.61 3.70
N ASN B 246 -13.59 -9.95 4.46
CA ASN B 246 -14.36 -10.57 5.53
C ASN B 246 -15.82 -10.76 5.12
N ARG B 247 -16.31 -11.97 5.33
CA ARG B 247 -17.74 -12.33 5.12
C ARG B 247 -18.56 -11.86 6.31
N PRO B 248 -19.78 -11.31 6.11
CA PRO B 248 -20.70 -11.15 7.23
C PRO B 248 -21.05 -12.45 7.96
N THR B 249 -21.45 -12.33 9.21
CA THR B 249 -21.92 -13.48 9.99
C THR B 249 -23.23 -14.04 9.42
N GLN B 250 -23.36 -15.33 9.52
CA GLN B 250 -24.45 -16.17 8.95
C GLN B 250 -25.29 -16.75 10.06
N PRO B 251 -26.57 -17.06 9.75
CA PRO B 251 -27.45 -17.54 10.79
C PRO B 251 -27.02 -18.89 11.35
N LEU B 252 -27.16 -19.03 12.65
CA LEU B 252 -26.77 -20.24 13.39
C LEU B 252 -27.68 -21.42 12.99
N LYS B 253 -28.95 -21.14 12.65
CA LYS B 253 -29.89 -22.20 12.21
C LYS B 253 -29.87 -23.40 13.17
N GLY B 254 -29.92 -23.13 14.46
CA GLY B 254 -30.12 -24.19 15.46
C GLY B 254 -28.84 -24.87 15.90
N ARG B 255 -27.67 -24.49 15.36
CA ARG B 255 -26.40 -25.02 15.84
C ARG B 255 -26.13 -24.50 17.25
N THR B 256 -25.31 -25.24 17.97
CA THR B 256 -24.89 -24.94 19.34
C THR B 256 -23.42 -24.54 19.30
N VAL B 257 -23.08 -23.42 19.90
CA VAL B 257 -21.65 -23.07 20.14
C VAL B 257 -21.29 -23.60 21.51
N ARG B 258 -20.31 -24.50 21.57
CA ARG B 258 -19.88 -25.09 22.85
C ARG B 258 -18.65 -24.35 23.35
N ALA B 259 -18.52 -24.20 24.65
CA ALA B 259 -17.39 -23.55 25.33
C ALA B 259 -16.55 -24.57 26.08
N SER B 260 -15.23 -24.44 25.96
CA SER B 260 -14.24 -25.23 26.69
C SER B 260 -14.12 -24.82 28.16
N PHE B 261 -14.69 -23.66 28.48
CA PHE B 261 -14.45 -22.92 29.74
C PHE B 261 -15.78 -22.40 30.28
#